data_6Y98
#
_entry.id   6Y98
#
_cell.length_a   65.289
_cell.length_b   65.289
_cell.length_c   121.877
_cell.angle_alpha   90.000
_cell.angle_beta   90.000
_cell.angle_gamma   120.000
#
_symmetry.space_group_name_H-M   'P 31 2 1'
#
loop_
_entity.id
_entity.type
_entity.pdbx_description
1 polymer 'PA14 domain-containing protein'
2 branched beta-D-galactopyranose-(1-4)-beta-D-glucopyranose
3 non-polymer 'CALCIUM ION'
#
_entity_poly.entity_id   1
_entity_poly.type   'polypeptide(L)'
_entity_poly.pdbx_seq_one_letter_code
;MGSSHHHHHHSSGLVPRGSHMASDITPFAHYPRPEGCSSPPNAVSVGLHMDLYNYPYLYVKNPRTGFTNDTDSDADGETD
GDSAGGIEGRAGQCWNPEYQDPNFPRYGYKKYGSFGSSDHVNGKISWDHNEFKEGCKPIMARLPTAYNYPAKITFSNFTM
VLSGYFKPKSTGLYKFEIHADDFILFNFGSKNAFECCNREESIDNFGPYVAYAMWPNEADQELEVYLFEDSYYPIRLFYN
NREYDSKFMVGFYPPNTEEITYDFDGYLYMLDDTGNECKDSIRYKTVCDD
;
_entity_poly.pdbx_strand_id   A
#
loop_
_chem_comp.id
_chem_comp.type
_chem_comp.name
_chem_comp.formula
BGC D-saccharide, beta linking beta-D-glucopyranose 'C6 H12 O6'
CA non-polymer 'CALCIUM ION' 'Ca 2'
GAL D-saccharide, beta linking beta-D-galactopyranose 'C6 H12 O6'
#
# COMPACT_ATOMS: atom_id res chain seq x y z
N PHE A 28 19.80 12.64 -3.34
CA PHE A 28 19.30 12.60 -4.71
C PHE A 28 20.43 12.31 -5.70
N ALA A 29 21.63 12.80 -5.41
CA ALA A 29 22.80 12.38 -6.16
C ALA A 29 23.35 11.04 -5.68
N HIS A 30 23.03 10.66 -4.45
CA HIS A 30 23.38 9.37 -3.86
C HIS A 30 22.14 8.50 -3.74
N TYR A 31 22.33 7.19 -3.46
CA TYR A 31 21.09 6.47 -3.29
C TYR A 31 20.56 6.63 -1.86
N PRO A 32 19.23 6.60 -1.70
CA PRO A 32 18.59 6.53 -0.38
C PRO A 32 19.02 5.33 0.47
N ARG A 33 19.24 5.57 1.77
CA ARG A 33 19.56 4.47 2.69
C ARG A 33 18.66 4.63 3.92
N PRO A 34 17.41 4.19 3.82
CA PRO A 34 16.42 4.39 4.90
C PRO A 34 16.71 3.60 6.18
N GLU A 35 16.03 4.02 7.26
CA GLU A 35 16.11 3.35 8.55
C GLU A 35 15.06 2.24 8.68
N GLY A 36 15.47 1.18 9.37
CA GLY A 36 14.68 0.01 9.65
C GLY A 36 14.62 -0.24 11.14
N CYS A 37 14.04 -1.37 11.52
CA CYS A 37 13.80 -1.75 12.90
C CYS A 37 14.48 -3.09 13.18
N SER A 38 14.75 -3.35 14.46
CA SER A 38 15.26 -4.62 14.93
C SER A 38 14.17 -5.26 15.78
N SER A 39 14.08 -6.59 15.74
CA SER A 39 13.19 -7.28 16.68
C SER A 39 13.65 -8.71 16.86
N PRO A 40 13.46 -9.28 18.05
CA PRO A 40 13.69 -10.72 18.21
C PRO A 40 12.66 -11.55 17.48
N PRO A 41 13.04 -12.75 17.01
CA PRO A 41 12.14 -13.64 16.24
C PRO A 41 10.78 -13.98 16.86
N ASN A 42 10.67 -14.02 18.19
CA ASN A 42 9.44 -14.38 18.90
C ASN A 42 8.31 -13.35 18.83
N ALA A 43 8.58 -12.14 18.37
CA ALA A 43 7.56 -11.12 18.19
C ALA A 43 7.14 -10.91 16.74
N VAL A 44 7.51 -11.81 15.83
CA VAL A 44 7.32 -11.62 14.39
C VAL A 44 6.32 -12.62 13.84
N SER A 45 5.34 -12.11 13.09
CA SER A 45 4.38 -12.91 12.32
C SER A 45 4.37 -12.44 10.86
N VAL A 46 3.69 -13.24 10.03
CA VAL A 46 3.64 -13.07 8.57
C VAL A 46 2.56 -12.08 8.13
N GLY A 47 2.92 -11.19 7.20
CA GLY A 47 1.97 -10.42 6.42
C GLY A 47 1.66 -9.04 6.98
N LEU A 48 1.03 -8.25 6.13
CA LEU A 48 0.66 -6.86 6.36
C LEU A 48 -0.77 -6.76 6.90
N HIS A 49 -1.10 -5.59 7.43
CA HIS A 49 -2.46 -5.27 7.85
C HIS A 49 -3.16 -4.45 6.77
N MET A 50 -4.44 -4.74 6.54
CA MET A 50 -5.25 -4.03 5.56
C MET A 50 -6.49 -3.42 6.22
N ASP A 51 -6.78 -2.18 5.86
CA ASP A 51 -8.06 -1.56 6.15
C ASP A 51 -8.71 -1.14 4.83
N LEU A 52 -10.02 -1.35 4.73
CA LEU A 52 -10.78 -1.00 3.53
C LEU A 52 -11.77 0.10 3.90
N TYR A 53 -11.79 1.15 3.10
CA TYR A 53 -12.65 2.30 3.37
C TYR A 53 -13.59 2.56 2.20
N ASN A 54 -14.76 3.09 2.53
CA ASN A 54 -15.71 3.52 1.52
C ASN A 54 -15.15 4.69 0.73
N TYR A 55 -15.45 4.71 -0.57
CA TYR A 55 -15.21 5.88 -1.41
C TYR A 55 -16.42 6.03 -2.32
N PRO A 56 -17.45 6.76 -1.89
CA PRO A 56 -18.68 6.82 -2.70
C PRO A 56 -18.47 7.60 -3.98
N TYR A 57 -19.27 7.27 -4.99
CA TYR A 57 -19.48 8.12 -6.16
C TYR A 57 -20.24 9.39 -5.78
N LEU A 58 -20.12 10.40 -6.62
CA LEU A 58 -20.98 11.57 -6.46
C LEU A 58 -22.44 11.21 -6.73
N TYR A 59 -22.71 10.55 -7.86
CA TYR A 59 -24.02 9.98 -8.14
C TYR A 59 -23.88 8.72 -9.00
N VAL A 60 -24.92 7.88 -8.96
CA VAL A 60 -24.93 6.58 -9.63
C VAL A 60 -26.08 6.61 -10.64
N LYS A 61 -25.88 5.95 -11.80
CA LYS A 61 -26.94 5.76 -12.78
C LYS A 61 -27.56 4.37 -12.77
N ASN A 62 -28.74 4.28 -13.39
CA ASN A 62 -29.49 3.08 -13.76
C ASN A 62 -29.89 2.24 -12.55
N PRO A 63 -30.53 1.06 -12.75
CA PRO A 63 -31.01 0.25 -11.62
C PRO A 63 -29.94 0.01 -10.55
N GLY A 92 -22.79 16.69 -14.46
CA GLY A 92 -21.35 16.78 -14.50
C GLY A 92 -20.66 15.42 -14.50
N GLN A 93 -19.64 15.28 -13.67
CA GLN A 93 -18.93 14.02 -13.45
C GLN A 93 -19.51 13.24 -12.27
N CYS A 94 -19.62 11.91 -12.47
CA CYS A 94 -19.97 10.99 -11.39
C CYS A 94 -18.93 10.69 -10.28
N TRP A 95 -17.63 10.67 -10.57
CA TRP A 95 -16.66 10.25 -9.55
C TRP A 95 -16.27 11.36 -8.60
N ASN A 96 -15.90 10.95 -7.38
CA ASN A 96 -15.55 11.88 -6.31
C ASN A 96 -14.11 12.34 -6.40
N PRO A 97 -13.86 13.65 -6.52
CA PRO A 97 -12.48 14.16 -6.58
C PRO A 97 -11.80 14.28 -5.22
N GLU A 98 -12.47 13.91 -4.13
CA GLU A 98 -11.89 14.05 -2.80
C GLU A 98 -10.49 13.46 -2.69
N TYR A 99 -10.23 12.34 -3.36
CA TYR A 99 -8.91 11.72 -3.30
C TYR A 99 -7.80 12.66 -3.77
N GLN A 100 -8.15 13.71 -4.51
CA GLN A 100 -7.15 14.69 -4.94
C GLN A 100 -6.82 15.71 -3.85
N ASP A 101 -7.64 15.83 -2.81
CA ASP A 101 -7.36 16.79 -1.77
C ASP A 101 -6.03 16.45 -1.12
N PRO A 102 -5.14 17.43 -0.90
CA PRO A 102 -3.87 17.14 -0.22
C PRO A 102 -4.03 16.51 1.16
N ASN A 103 -5.14 16.79 1.86
CA ASN A 103 -5.38 16.24 3.18
C ASN A 103 -5.99 14.85 3.12
N PHE A 104 -6.38 14.38 1.95
CA PHE A 104 -7.07 13.11 1.85
C PHE A 104 -6.18 11.98 2.35
N PRO A 105 -4.92 11.87 1.94
CA PRO A 105 -4.10 10.74 2.41
C PRO A 105 -3.86 10.73 3.92
N ARG A 106 -3.92 11.88 4.60
CA ARG A 106 -3.59 11.86 6.03
C ARG A 106 -4.79 11.66 6.95
N TYR A 107 -5.96 12.19 6.61
CA TYR A 107 -7.14 11.98 7.44
C TYR A 107 -8.45 11.95 6.66
N GLY A 108 -8.50 12.67 5.54
CA GLY A 108 -9.70 12.68 4.73
C GLY A 108 -10.17 11.30 4.29
N TYR A 109 -9.26 10.34 4.18
CA TYR A 109 -9.60 9.04 3.60
C TYR A 109 -10.50 8.20 4.50
N LYS A 110 -10.60 8.53 5.78
CA LYS A 110 -11.48 7.84 6.72
C LYS A 110 -12.87 8.43 6.79
N LYS A 111 -13.12 9.55 6.11
CA LYS A 111 -14.32 10.35 6.37
C LYS A 111 -15.61 9.67 5.91
N TYR A 112 -15.53 8.65 5.05
CA TYR A 112 -16.72 7.90 4.64
C TYR A 112 -16.91 6.59 5.40
N GLY A 113 -16.07 6.31 6.39
CA GLY A 113 -16.17 5.11 7.20
C GLY A 113 -15.43 3.94 6.57
N SER A 114 -15.22 2.90 7.39
CA SER A 114 -14.62 1.66 6.93
C SER A 114 -15.70 0.62 6.62
N PHE A 115 -15.28 -0.43 5.90
CA PHE A 115 -16.10 -1.62 5.72
C PHE A 115 -15.37 -2.96 5.89
N GLY A 116 -14.04 -2.97 5.97
CA GLY A 116 -13.39 -4.27 6.11
C GLY A 116 -11.93 -4.14 6.50
N SER A 117 -11.36 -5.27 6.93
CA SER A 117 -9.96 -5.35 7.29
C SER A 117 -9.50 -6.80 7.22
N SER A 118 -8.18 -6.97 7.11
CA SER A 118 -7.56 -8.29 7.19
C SER A 118 -6.11 -8.15 7.67
N ASP A 119 -5.50 -9.29 7.98
CA ASP A 119 -4.10 -9.32 8.43
C ASP A 119 -3.39 -10.47 7.72
N HIS A 120 -2.07 -10.53 7.91
CA HIS A 120 -1.24 -11.55 7.28
C HIS A 120 -1.34 -11.50 5.75
N VAL A 121 -1.51 -10.31 5.19
CA VAL A 121 -1.59 -10.13 3.75
C VAL A 121 -0.21 -10.38 3.16
N ASN A 122 -0.11 -11.34 2.25
CA ASN A 122 1.19 -11.81 1.78
C ASN A 122 1.08 -12.38 0.38
N GLY A 123 2.19 -12.28 -0.36
CA GLY A 123 2.30 -12.91 -1.68
C GLY A 123 1.95 -11.99 -2.84
N LYS A 124 1.03 -12.43 -3.70
CA LYS A 124 0.73 -11.69 -4.92
C LYS A 124 -0.34 -10.65 -4.67
N ILE A 125 0.10 -9.46 -4.21
CA ILE A 125 -0.81 -8.43 -3.75
C ILE A 125 -1.16 -7.44 -4.84
N SER A 126 -0.56 -7.57 -6.01
CA SER A 126 -0.87 -6.67 -7.12
C SER A 126 -2.06 -7.19 -7.91
N TRP A 127 -2.68 -6.30 -8.67
CA TRP A 127 -3.76 -6.70 -9.55
C TRP A 127 -3.87 -5.70 -10.68
N ASP A 128 -4.53 -6.12 -11.76
CA ASP A 128 -4.85 -5.24 -12.88
C ASP A 128 -6.24 -5.65 -13.39
N HIS A 129 -7.25 -4.94 -12.92
CA HIS A 129 -8.64 -5.17 -13.32
C HIS A 129 -8.98 -4.16 -14.41
N ASN A 130 -8.89 -4.59 -15.67
CA ASN A 130 -9.26 -3.73 -16.78
C ASN A 130 -10.39 -4.31 -17.61
N GLU A 131 -11.13 -5.25 -17.04
CA GLU A 131 -12.26 -5.91 -17.67
C GLU A 131 -13.59 -5.21 -17.45
N PHE A 132 -13.70 -4.25 -16.52
CA PHE A 132 -15.00 -3.67 -16.23
C PHE A 132 -15.57 -2.98 -17.45
N LYS A 133 -16.90 -3.09 -17.60
CA LYS A 133 -17.67 -2.56 -18.72
C LYS A 133 -18.45 -1.28 -18.44
N GLU A 134 -18.84 -1.02 -17.20
CA GLU A 134 -19.69 0.12 -16.89
C GLU A 134 -19.02 1.10 -15.96
N GLY A 135 -19.04 2.38 -16.32
CA GLY A 135 -18.60 3.40 -15.40
C GLY A 135 -19.76 3.97 -14.60
N CYS A 136 -19.41 4.87 -13.69
CA CYS A 136 -20.38 5.56 -12.86
C CYS A 136 -21.28 4.55 -12.14
N LYS A 137 -20.70 3.43 -11.74
CA LYS A 137 -21.47 2.33 -11.19
C LYS A 137 -20.56 1.43 -10.35
N PRO A 138 -20.99 1.10 -9.14
CA PRO A 138 -20.24 0.14 -8.32
C PRO A 138 -20.18 -1.23 -8.98
N ILE A 139 -18.99 -1.82 -8.93
CA ILE A 139 -18.74 -3.13 -9.52
C ILE A 139 -18.12 -3.98 -8.42
N MET A 140 -18.72 -5.12 -8.17
CA MET A 140 -18.31 -6.05 -7.13
C MET A 140 -17.24 -7.00 -7.66
N ALA A 141 -16.15 -7.14 -6.91
CA ALA A 141 -15.17 -8.17 -7.22
C ALA A 141 -14.39 -8.48 -5.95
N ARG A 142 -13.64 -9.57 -6.00
CA ARG A 142 -12.91 -10.10 -4.86
C ARG A 142 -11.45 -9.66 -4.92
N LEU A 143 -10.84 -9.38 -3.76
CA LEU A 143 -9.42 -9.10 -3.74
C LEU A 143 -8.62 -10.37 -4.04
N PRO A 144 -7.36 -10.24 -4.42
CA PRO A 144 -6.51 -11.44 -4.55
C PRO A 144 -6.52 -12.20 -3.23
N THR A 145 -6.24 -13.51 -3.32
CA THR A 145 -6.23 -14.33 -2.11
C THR A 145 -5.13 -13.90 -1.15
N ALA A 146 -4.08 -13.25 -1.65
CA ALA A 146 -3.07 -12.68 -0.76
C ALA A 146 -3.68 -11.85 0.36
N TYR A 147 -4.85 -11.24 0.12
CA TYR A 147 -5.42 -10.31 1.08
C TYR A 147 -6.25 -11.00 2.15
N ASN A 148 -6.54 -12.30 2.00
CA ASN A 148 -7.33 -13.03 2.99
C ASN A 148 -8.64 -12.33 3.31
N TYR A 149 -9.31 -11.82 2.28
CA TYR A 149 -10.57 -11.10 2.45
C TYR A 149 -11.56 -11.73 1.49
N PRO A 150 -12.46 -12.57 2.00
CA PRO A 150 -13.32 -13.37 1.10
C PRO A 150 -14.40 -12.55 0.43
N ALA A 151 -14.94 -11.54 1.10
CA ALA A 151 -16.09 -10.83 0.58
C ALA A 151 -15.70 -9.97 -0.62
N LYS A 152 -16.64 -9.88 -1.55
CA LYS A 152 -16.56 -8.92 -2.63
C LYS A 152 -16.55 -7.50 -2.07
N ILE A 153 -15.82 -6.63 -2.75
CA ILE A 153 -15.76 -5.21 -2.41
C ILE A 153 -16.21 -4.44 -3.64
N THR A 154 -16.59 -3.18 -3.44
CA THR A 154 -16.84 -2.28 -4.56
C THR A 154 -15.49 -1.94 -5.19
N PHE A 155 -15.03 -2.84 -6.07
CA PHE A 155 -13.70 -2.73 -6.63
C PHE A 155 -13.55 -1.51 -7.51
N SER A 156 -14.66 -1.03 -8.09
CA SER A 156 -14.65 0.19 -8.87
C SER A 156 -14.34 1.42 -8.04
N ASN A 157 -14.60 1.41 -6.73
CA ASN A 157 -14.50 2.63 -5.94
C ASN A 157 -14.34 2.28 -4.45
N PHE A 158 -13.11 2.41 -3.95
CA PHE A 158 -12.77 2.05 -2.58
C PHE A 158 -11.37 2.57 -2.29
N THR A 159 -11.04 2.62 -1.00
CA THR A 159 -9.72 3.02 -0.53
C THR A 159 -9.15 1.91 0.31
N MET A 160 -7.85 1.67 0.19
CA MET A 160 -7.17 0.63 0.93
C MET A 160 -5.90 1.20 1.54
N VAL A 161 -5.65 0.88 2.81
CA VAL A 161 -4.36 1.16 3.43
C VAL A 161 -3.71 -0.15 3.85
N LEU A 162 -2.49 -0.37 3.35
CA LEU A 162 -1.67 -1.53 3.64
C LEU A 162 -0.45 -1.07 4.43
N SER A 163 -0.20 -1.70 5.57
CA SER A 163 0.95 -1.31 6.36
C SER A 163 1.55 -2.53 7.05
N GLY A 164 2.81 -2.39 7.41
CA GLY A 164 3.58 -3.47 8.02
C GLY A 164 5.06 -3.28 7.72
N TYR A 165 5.76 -4.40 7.53
CA TYR A 165 7.22 -4.36 7.40
C TYR A 165 7.70 -5.12 6.17
N PHE A 166 8.67 -4.54 5.48
CA PHE A 166 9.38 -5.18 4.37
C PHE A 166 10.76 -5.65 4.81
N LYS A 167 11.05 -6.94 4.61
CA LYS A 167 12.38 -7.47 4.87
C LYS A 167 13.00 -7.92 3.56
N PRO A 168 14.15 -7.39 3.18
CA PRO A 168 14.79 -7.83 1.94
C PRO A 168 15.39 -9.22 2.13
N LYS A 169 15.41 -10.00 1.04
CA LYS A 169 16.00 -11.32 1.12
C LYS A 169 17.52 -11.29 1.02
N SER A 170 18.10 -10.17 0.63
CA SER A 170 19.54 -10.00 0.69
C SER A 170 19.82 -8.51 0.86
N THR A 171 21.01 -8.22 1.36
CA THR A 171 21.42 -6.83 1.54
C THR A 171 21.83 -6.23 0.21
N GLY A 172 21.33 -5.03 -0.09
CA GLY A 172 21.65 -4.41 -1.35
C GLY A 172 20.61 -3.39 -1.74
N LEU A 173 20.74 -2.92 -2.98
CA LEU A 173 19.88 -1.88 -3.52
C LEU A 173 18.60 -2.47 -4.09
N TYR A 174 17.46 -1.98 -3.61
CA TYR A 174 16.16 -2.39 -4.14
C TYR A 174 15.50 -1.26 -4.91
N LYS A 175 14.96 -1.59 -6.07
CA LYS A 175 14.18 -0.65 -6.87
C LYS A 175 12.73 -1.11 -6.84
N PHE A 176 11.84 -0.22 -6.43
CA PHE A 176 10.41 -0.50 -6.47
C PHE A 176 9.76 0.26 -7.62
N GLU A 177 8.66 -0.30 -8.12
CA GLU A 177 7.95 0.29 -9.24
C GLU A 177 6.45 0.17 -8.95
N ILE A 178 5.72 1.26 -9.13
CA ILE A 178 4.27 1.27 -8.94
C ILE A 178 3.58 1.81 -10.19
N HIS A 179 2.40 1.27 -10.47
CA HIS A 179 1.57 1.68 -11.60
C HIS A 179 0.15 1.72 -11.07
N ALA A 180 -0.48 2.91 -11.12
CA ALA A 180 -1.70 3.14 -10.38
C ALA A 180 -2.87 3.55 -11.26
N ASP A 181 -4.04 3.01 -10.90
CA ASP A 181 -5.35 3.50 -11.32
C ASP A 181 -6.26 3.21 -10.15
N ASP A 182 -6.62 4.23 -9.38
CA ASP A 182 -6.33 5.63 -9.70
C ASP A 182 -5.08 6.24 -9.02
N PHE A 183 -4.81 5.81 -7.79
CA PHE A 183 -3.93 6.56 -6.89
C PHE A 183 -3.20 5.60 -5.96
N ILE A 184 -1.87 5.66 -5.96
CA ILE A 184 -1.04 4.93 -5.00
C ILE A 184 -0.08 5.88 -4.32
N LEU A 185 0.03 5.79 -2.99
CA LEU A 185 1.09 6.45 -2.23
C LEU A 185 1.96 5.40 -1.56
N PHE A 186 3.26 5.65 -1.56
CA PHE A 186 4.28 4.73 -1.08
C PHE A 186 5.10 5.41 0.01
N ASN A 187 4.97 4.96 1.25
CA ASN A 187 5.84 5.39 2.33
C ASN A 187 6.67 4.20 2.80
N PHE A 188 7.92 4.47 3.21
CA PHE A 188 8.90 3.42 3.46
C PHE A 188 10.00 3.93 4.37
N GLY A 189 10.23 3.22 5.48
CA GLY A 189 11.25 3.60 6.44
C GLY A 189 10.67 4.03 7.78
N SER A 190 11.47 3.87 8.83
CA SER A 190 11.03 4.21 10.17
C SER A 190 10.92 5.71 10.39
N LYS A 191 11.53 6.51 9.52
CA LYS A 191 11.40 7.97 9.57
C LYS A 191 10.55 8.52 8.42
N ASN A 192 9.79 7.65 7.74
CA ASN A 192 8.90 8.07 6.66
C ASN A 192 7.51 7.42 6.72
N ALA A 193 7.45 6.16 7.13
CA ALA A 193 6.20 5.40 7.12
C ALA A 193 5.53 5.41 8.49
N PHE A 194 6.18 4.84 9.50
CA PHE A 194 5.62 4.84 10.84
C PHE A 194 6.70 4.40 11.82
N GLU A 195 6.43 4.57 13.11
CA GLU A 195 7.45 4.28 14.12
C GLU A 195 7.57 2.78 14.35
N CYS A 196 8.80 2.35 14.57
CA CYS A 196 9.10 0.97 14.92
C CYS A 196 8.26 0.52 16.12
N CYS A 197 7.54 -0.60 15.94
CA CYS A 197 6.72 -1.21 17.00
C CYS A 197 5.67 -0.26 17.56
N ASN A 198 5.24 0.70 16.75
CA ASN A 198 4.19 1.61 17.16
C ASN A 198 3.34 1.97 15.95
N ARG A 199 3.01 0.96 15.16
CA ARG A 199 2.40 1.18 13.84
C ARG A 199 1.00 1.76 13.96
N GLU A 200 0.16 1.11 14.78
CA GLU A 200 -1.25 1.47 14.86
C GLU A 200 -1.44 2.92 15.28
N GLU A 201 -0.72 3.35 16.33
CA GLU A 201 -0.86 4.71 16.82
C GLU A 201 -0.26 5.76 15.88
N SER A 202 0.84 5.44 15.19
CA SER A 202 1.56 6.40 14.37
C SER A 202 1.28 6.27 12.87
N ILE A 203 0.29 5.45 12.47
CA ILE A 203 0.09 5.14 11.05
C ILE A 203 -0.18 6.37 10.20
N ASP A 204 -0.76 7.43 10.74
CA ASP A 204 -1.04 8.61 9.92
C ASP A 204 -0.05 9.74 10.13
N ASN A 205 1.16 9.44 10.62
CA ASN A 205 2.19 10.44 10.84
C ASN A 205 3.32 10.26 9.81
N PHE A 206 2.96 9.71 8.65
CA PHE A 206 3.90 9.47 7.58
C PHE A 206 4.42 10.79 7.01
N GLY A 207 5.62 10.73 6.43
CA GLY A 207 6.26 11.89 5.88
C GLY A 207 6.07 12.06 4.39
N PRO A 208 6.87 12.95 3.79
CA PRO A 208 6.77 13.19 2.35
C PRO A 208 6.94 11.88 1.59
N TYR A 209 6.14 11.74 0.54
CA TYR A 209 5.93 10.43 -0.07
C TYR A 209 7.22 9.97 -0.74
N VAL A 210 7.48 8.66 -0.64
CA VAL A 210 8.61 8.05 -1.38
C VAL A 210 8.24 7.79 -2.83
N ALA A 211 6.97 7.58 -3.11
CA ALA A 211 6.49 7.60 -4.48
C ALA A 211 5.03 8.05 -4.47
N TYR A 212 4.70 8.86 -5.46
CA TYR A 212 3.38 9.44 -5.60
C TYR A 212 2.93 9.09 -7.02
N ALA A 213 2.00 8.16 -7.15
CA ALA A 213 1.54 7.72 -8.47
C ALA A 213 0.06 8.02 -8.61
N MET A 214 -0.28 8.81 -9.61
CA MET A 214 -1.66 9.16 -9.91
C MET A 214 -1.98 9.08 -11.39
N TRP A 215 -3.13 8.53 -11.68
CA TRP A 215 -3.65 8.44 -13.02
C TRP A 215 -4.25 9.79 -13.39
N PRO A 216 -4.10 10.25 -14.64
CA PRO A 216 -3.44 9.59 -15.78
C PRO A 216 -1.96 9.96 -15.99
N ASN A 217 -1.45 11.01 -15.34
CA ASN A 217 -0.21 11.63 -15.79
C ASN A 217 0.99 11.02 -15.06
N GLU A 218 1.03 11.16 -13.73
CA GLU A 218 2.11 10.57 -12.93
C GLU A 218 1.79 9.16 -12.50
N ALA A 219 1.27 8.34 -13.42
CA ALA A 219 0.68 7.09 -12.99
C ALA A 219 1.74 6.04 -12.73
N ASP A 220 2.96 6.31 -13.17
CA ASP A 220 4.08 5.37 -13.10
C ASP A 220 5.23 6.07 -12.37
N GLN A 221 5.72 5.42 -11.31
CA GLN A 221 6.78 6.00 -10.52
C GLN A 221 7.74 4.88 -10.13
N GLU A 222 8.94 5.27 -9.73
CA GLU A 222 9.92 4.33 -9.28
C GLU A 222 10.81 5.00 -8.24
N LEU A 223 11.51 4.16 -7.49
CA LEU A 223 12.40 4.63 -6.43
C LEU A 223 13.38 3.52 -6.16
N GLU A 224 14.54 3.90 -5.61
CA GLU A 224 15.58 2.94 -5.32
C GLU A 224 16.01 3.20 -3.89
N VAL A 225 16.08 2.12 -3.11
CA VAL A 225 16.52 2.19 -1.73
C VAL A 225 17.51 1.07 -1.46
N TYR A 226 18.59 1.40 -0.79
CA TYR A 226 19.55 0.40 -0.37
C TYR A 226 19.06 -0.11 0.98
N LEU A 227 18.78 -1.40 1.06
CA LEU A 227 18.14 -1.97 2.23
C LEU A 227 19.04 -3.07 2.75
N PHE A 228 18.94 -3.35 4.04
CA PHE A 228 19.79 -4.36 4.64
C PHE A 228 18.94 -5.57 5.04
N GLU A 229 19.41 -6.75 4.64
CA GLU A 229 18.77 -8.03 4.92
C GLU A 229 18.28 -8.23 6.35
N ASP A 230 19.06 -7.80 7.35
CA ASP A 230 18.69 -8.12 8.74
C ASP A 230 17.56 -7.26 9.30
N SER A 231 17.09 -6.25 8.58
CA SER A 231 16.26 -5.20 9.15
C SER A 231 14.87 -5.21 8.54
N TYR A 232 13.86 -5.04 9.39
CA TYR A 232 12.47 -4.91 8.97
C TYR A 232 12.11 -3.43 8.83
N TYR A 233 11.77 -3.02 7.60
CA TYR A 233 11.51 -1.61 7.29
C TYR A 233 10.02 -1.34 7.31
N PRO A 234 9.54 -0.42 8.15
CA PRO A 234 8.13 -0.01 8.10
C PRO A 234 7.73 0.39 6.69
N ILE A 235 6.57 -0.10 6.25
CA ILE A 235 6.04 0.21 4.94
C ILE A 235 4.56 0.54 5.04
N ARG A 236 4.14 1.61 4.34
CA ARG A 236 2.74 2.03 4.28
C ARG A 236 2.35 2.29 2.84
N LEU A 237 1.41 1.51 2.33
CA LEU A 237 0.92 1.62 0.95
C LEU A 237 -0.54 2.07 0.97
N PHE A 238 -0.79 3.21 0.32
CA PHE A 238 -2.12 3.81 0.25
C PHE A 238 -2.62 3.67 -1.18
N TYR A 239 -3.85 3.18 -1.34
CA TYR A 239 -4.46 2.97 -2.65
C TYR A 239 -5.88 3.52 -2.72
N ASN A 240 -6.22 4.15 -3.85
CA ASN A 240 -7.59 4.56 -4.11
C ASN A 240 -8.02 4.24 -5.53
N ASN A 241 -9.23 3.71 -5.69
CA ASN A 241 -9.94 3.68 -6.96
C ASN A 241 -11.15 4.58 -6.86
N ARG A 242 -11.26 5.53 -7.79
CA ARG A 242 -12.39 6.44 -7.85
C ARG A 242 -13.55 5.91 -8.68
N GLU A 243 -13.28 4.98 -9.61
CA GLU A 243 -14.28 4.52 -10.56
C GLU A 243 -13.67 3.52 -11.55
N TYR A 244 -14.53 2.87 -12.36
CA TYR A 244 -14.10 2.00 -13.45
C TYR A 244 -12.86 1.17 -13.12
N ASP A 245 -12.02 0.97 -14.13
CA ASP A 245 -10.78 0.18 -14.08
C ASP A 245 -9.99 0.43 -12.81
N SER A 246 -9.24 -0.59 -12.37
CA SER A 246 -8.50 -0.52 -11.11
C SER A 246 -7.17 -1.24 -11.30
N LYS A 247 -6.07 -0.54 -11.05
CA LYS A 247 -4.72 -1.11 -11.12
C LYS A 247 -3.95 -0.73 -9.87
N PHE A 248 -3.53 -1.73 -9.12
CA PHE A 248 -2.67 -1.58 -7.95
C PHE A 248 -1.54 -2.55 -8.23
N MET A 249 -0.48 -2.01 -8.83
CA MET A 249 0.66 -2.81 -9.27
C MET A 249 1.91 -2.28 -8.55
N VAL A 250 2.46 -3.09 -7.67
CA VAL A 250 3.64 -2.74 -6.87
C VAL A 250 4.64 -3.87 -7.06
N GLY A 251 5.73 -3.57 -7.76
CA GLY A 251 6.75 -4.55 -8.01
C GLY A 251 8.12 -3.98 -7.71
N PHE A 252 9.10 -4.84 -7.81
CA PHE A 252 10.47 -4.44 -7.49
C PHE A 252 11.44 -5.34 -8.23
N TYR A 253 12.64 -4.82 -8.37
CA TYR A 253 13.74 -5.59 -8.94
C TYR A 253 14.64 -5.74 -7.72
N PRO A 254 14.82 -6.95 -7.20
CA PRO A 254 15.83 -7.16 -6.17
C PRO A 254 17.22 -6.86 -6.70
N PRO A 255 18.22 -6.80 -5.82
CA PRO A 255 19.59 -6.57 -6.26
C PRO A 255 19.98 -7.53 -7.39
N ASN A 256 20.68 -6.99 -8.38
CA ASN A 256 21.22 -7.78 -9.48
C ASN A 256 20.17 -8.55 -10.28
N THR A 257 18.93 -8.05 -10.36
CA THR A 257 17.85 -8.77 -11.01
C THR A 257 17.24 -7.94 -12.13
N GLU A 258 17.10 -8.55 -13.31
CA GLU A 258 16.71 -7.84 -14.52
C GLU A 258 15.19 -7.88 -14.70
N GLU A 259 14.56 -8.98 -14.32
CA GLU A 259 13.12 -9.16 -14.49
C GLU A 259 12.42 -8.66 -13.24
N ILE A 260 11.35 -7.88 -13.41
CA ILE A 260 10.60 -7.39 -12.26
C ILE A 260 9.82 -8.55 -11.65
N THR A 261 9.53 -8.45 -10.35
CA THR A 261 8.62 -9.39 -9.70
C THR A 261 7.53 -8.63 -8.97
N TYR A 262 6.32 -9.18 -9.00
CA TYR A 262 5.19 -8.66 -8.24
C TYR A 262 4.79 -9.56 -7.08
N ASP A 263 5.62 -10.55 -6.75
CA ASP A 263 5.35 -11.49 -5.66
C ASP A 263 6.18 -11.14 -4.44
N PHE A 264 5.50 -10.74 -3.36
CA PHE A 264 6.12 -10.34 -2.10
C PHE A 264 6.28 -11.50 -1.14
N ASP A 265 5.97 -12.72 -1.57
CA ASP A 265 6.04 -13.85 -0.65
C ASP A 265 7.43 -13.92 -0.01
N GLY A 266 7.44 -14.03 1.32
CA GLY A 266 8.69 -14.05 2.04
C GLY A 266 9.30 -12.70 2.31
N TYR A 267 8.66 -11.61 1.88
CA TYR A 267 9.16 -10.26 2.13
C TYR A 267 8.33 -9.44 3.10
N LEU A 268 7.08 -9.83 3.39
CA LEU A 268 6.17 -9.01 4.17
C LEU A 268 5.97 -9.64 5.54
N TYR A 269 6.10 -8.83 6.59
CA TYR A 269 6.02 -9.31 7.96
C TYR A 269 5.32 -8.25 8.81
N MET A 270 4.89 -8.65 10.01
CA MET A 270 4.33 -7.77 11.02
C MET A 270 5.10 -7.95 12.33
N LEU A 271 5.37 -6.83 13.00
CA LEU A 271 5.94 -6.84 14.34
C LEU A 271 4.88 -6.51 15.39
N ASP A 272 5.08 -7.01 16.60
CA ASP A 272 4.18 -6.69 17.70
C ASP A 272 4.29 -5.21 18.05
N ASP A 273 3.14 -4.57 18.28
CA ASP A 273 3.16 -3.14 18.61
C ASP A 273 3.40 -2.98 20.11
N THR A 274 4.58 -3.42 20.56
CA THR A 274 4.95 -3.34 21.96
C THR A 274 5.60 -2.01 22.37
N GLY A 275 5.86 -1.11 21.43
CA GLY A 275 6.20 0.26 21.78
C GLY A 275 7.71 0.42 21.91
N ASN A 276 8.15 0.84 23.09
CA ASN A 276 9.48 1.40 23.38
C ASN A 276 10.55 1.16 22.32
N GLU A 277 10.33 1.61 21.08
CA GLU A 277 11.16 1.24 19.94
C GLU A 277 11.54 -0.24 19.83
N CYS A 278 10.64 -1.14 20.19
CA CYS A 278 10.92 -2.59 20.18
C CYS A 278 12.02 -2.99 21.16
N LYS A 279 12.02 -2.42 22.35
CA LYS A 279 12.99 -2.85 23.36
C LYS A 279 12.33 -3.91 24.23
N ASP A 280 12.69 -5.17 23.97
CA ASP A 280 12.31 -6.36 24.73
C ASP A 280 11.93 -7.50 23.80
C2 BGC B . -15.88 5.32 -19.55
C3 BGC B . -14.82 5.12 -18.53
C4 BGC B . -14.46 6.32 -17.71
C5 BGC B . -15.76 6.93 -17.18
C6 BGC B . -15.47 8.28 -16.61
C1 BGC B . -17.18 5.83 -18.95
O1 BGC B . -18.08 6.11 -19.93
O2 BGC B . -16.15 4.04 -20.17
O3 BGC B . -13.60 4.66 -19.19
O4 BGC B . -13.70 5.88 -16.57
O5 BGC B . -16.86 7.07 -18.17
O6 BGC B . -16.68 8.84 -16.13
H2 BGC B . -15.56 5.97 -20.19
H3 BGC B . -15.15 4.45 -17.92
H4 BGC B . -13.93 6.97 -18.21
H5 BGC B . -16.09 6.31 -16.50
H61 BGC B . -14.84 8.19 -15.88
H62 BGC B . -15.10 8.85 -17.30
H1 BGC B . -17.61 5.16 -18.39
HO1 BGC B . -17.71 6.02 -20.69
HO2 BGC B . -15.56 3.48 -19.94
HO3 BGC B . -13.53 3.81 -19.09
HO6 BGC B . -16.74 8.71 -15.29
C1 GAL B . -12.40 6.32 -16.43
C2 GAL B . -12.12 6.35 -14.91
C3 GAL B . -10.71 6.36 -14.47
C4 GAL B . -10.02 5.19 -15.06
C5 GAL B . -10.13 5.37 -16.58
C6 GAL B . -9.38 4.27 -17.24
O2 GAL B . -12.78 7.48 -14.34
O3 GAL B . -10.66 6.24 -13.01
O4 GAL B . -10.62 3.98 -14.63
O5 GAL B . -11.51 5.34 -17.11
O6 GAL B . -9.36 4.48 -18.61
H1 GAL B . -12.28 7.19 -16.83
H2 GAL B . -12.48 5.51 -14.59
H3 GAL B . -10.27 7.20 -14.71
H4 GAL B . -9.09 5.11 -14.76
H5 GAL B . -9.75 6.23 -16.79
H61 GAL B . -9.80 3.42 -17.04
H62 GAL B . -8.46 4.26 -16.90
HO2 GAL B . -13.61 7.29 -14.21
HO3 GAL B . -10.19 6.87 -12.69
HO4 GAL B . -11.23 4.15 -14.05
HO6 GAL B . -9.61 5.26 -18.79
CA CA C . -10.26 4.05 -11.91
#